data_4XXU
#
_entry.id   4XXU
#
_cell.length_a   84.049
_cell.length_b   84.049
_cell.length_c   60.239
_cell.angle_alpha   90.00
_cell.angle_beta   90.00
_cell.angle_gamma   120.00
#
_symmetry.space_group_name_H-M   'P 31'
#
loop_
_entity.id
_entity.type
_entity.pdbx_description
1 polymer 'Molybdate-binding periplasmic protein'
2 non-polymer Chromate
3 water water
#
_entity_poly.entity_id   1
_entity_poly.type   'polypeptide(L)'
_entity_poly.pdbx_seq_one_letter_code
;MARKWLNLFAGAALSFAVAGNALADEGKITVFAAASLTNAMQDIATQFKKEKGVDVVSSFASSSTLARQIEAGAPADLFI
SADQKWMDYAVDKKAIDTATRQTLLGNSLVVVAPKASVQKDFTIDSKTNWTSLLNGGRLAVGDPEHVPAGIYAKEALQKL
GAWDTLSPKLAPAEDVRGALALVERNEAPLGIVYGSDAVASKGVKVVATFPEDSHKKVEYPVAVVEGHNNATVKAFYDYL
KGPQAAEIFKRYGFTIK
;
_entity_poly.pdbx_strand_id   A,B
#
loop_
_chem_comp.id
_chem_comp.type
_chem_comp.name
_chem_comp.formula
CQ4 non-polymer Chromate 'Cr O4 -2'
#
# COMPACT_ATOMS: atom_id res chain seq x y z
N GLY A 27 -17.59 27.12 16.02
CA GLY A 27 -18.25 26.18 15.13
C GLY A 27 -18.32 26.66 13.70
N LYS A 28 -18.75 25.80 12.79
CA LYS A 28 -18.95 24.38 13.11
C LYS A 28 -18.46 23.52 11.95
N ILE A 29 -17.58 22.57 12.28
CA ILE A 29 -17.00 21.68 11.29
C ILE A 29 -17.56 20.29 11.52
N THR A 30 -17.89 19.58 10.44
CA THR A 30 -18.36 18.19 10.57
C THR A 30 -17.31 17.26 10.00
N VAL A 31 -16.82 16.35 10.82
CA VAL A 31 -15.80 15.39 10.39
C VAL A 31 -16.36 13.97 10.38
N PHE A 32 -16.17 13.27 9.26
CA PHE A 32 -16.46 11.83 9.18
C PHE A 32 -15.14 11.09 9.27
N ALA A 33 -14.98 10.26 10.29
CA ALA A 33 -13.71 9.56 10.51
C ALA A 33 -13.91 8.11 10.85
N ALA A 34 -13.03 7.28 10.30
CA ALA A 34 -12.94 5.86 10.61
C ALA A 34 -13.08 5.62 12.11
N ALA A 35 -13.82 4.56 12.44
CA ALA A 35 -14.06 4.19 13.84
C ALA A 35 -12.78 4.07 14.66
N SER A 36 -11.70 3.59 14.05
CA SER A 36 -10.47 3.47 14.80
C SER A 36 -9.93 4.82 15.29
N LEU A 37 -10.40 5.93 14.68
CA LEU A 37 -9.96 7.26 15.06
C LEU A 37 -10.79 7.89 16.15
N THR A 38 -11.78 7.16 16.68
CA THR A 38 -12.73 7.72 17.65
C THR A 38 -12.08 8.53 18.76
N ASN A 39 -11.18 7.91 19.52
CA ASN A 39 -10.62 8.60 20.68
C ASN A 39 -9.69 9.74 20.32
N ALA A 40 -8.81 9.52 19.34
CA ALA A 40 -7.87 10.55 18.92
C ALA A 40 -8.63 11.77 18.41
N MET A 41 -9.61 11.54 17.56
CA MET A 41 -10.33 12.64 16.97
C MET A 41 -11.20 13.37 17.98
N GLN A 42 -11.75 12.66 18.96
CA GLN A 42 -12.47 13.34 20.04
C GLN A 42 -11.54 14.28 20.81
N ASP A 43 -10.35 13.81 21.14
CA ASP A 43 -9.39 14.62 21.90
C ASP A 43 -8.91 15.80 21.06
N ILE A 44 -8.66 15.57 19.77
CA ILE A 44 -8.24 16.65 18.89
C ILE A 44 -9.35 17.72 18.79
N ALA A 45 -10.59 17.28 18.64
CA ALA A 45 -11.72 18.23 18.57
C ALA A 45 -11.80 19.07 19.86
N THR A 46 -11.62 18.42 20.99
CA THR A 46 -11.66 19.11 22.28
C THR A 46 -10.58 20.17 22.39
N GLN A 47 -9.36 19.84 22.00
CA GLN A 47 -8.26 20.79 22.08
C GLN A 47 -8.43 21.93 21.07
N PHE A 48 -8.92 21.61 19.88
CA PHE A 48 -9.15 22.62 18.84
C PHE A 48 -10.21 23.62 19.31
N LYS A 49 -11.28 23.13 19.93
CA LYS A 49 -12.30 24.01 20.48
C LYS A 49 -11.70 24.95 21.53
N LYS A 50 -10.88 24.40 22.41
CA LYS A 50 -10.28 25.19 23.47
C LYS A 50 -9.35 26.28 22.90
N GLU A 51 -8.62 25.95 21.84
CA GLU A 51 -7.61 26.86 21.31
C GLU A 51 -8.13 27.82 20.24
N LYS A 52 -9.07 27.36 19.44
CA LYS A 52 -9.54 28.14 18.29
C LYS A 52 -11.00 28.57 18.41
N GLY A 53 -11.72 28.00 19.37
CA GLY A 53 -13.10 28.40 19.59
C GLY A 53 -14.09 27.88 18.56
N VAL A 54 -13.68 26.87 17.81
CA VAL A 54 -14.53 26.28 16.78
C VAL A 54 -15.01 24.90 17.23
N ASP A 55 -16.31 24.65 17.06
CA ASP A 55 -16.88 23.35 17.39
C ASP A 55 -16.66 22.36 16.26
N VAL A 56 -16.10 21.20 16.60
CA VAL A 56 -15.91 20.12 15.64
C VAL A 56 -16.79 18.96 16.05
N VAL A 57 -17.72 18.59 15.17
CA VAL A 57 -18.66 17.51 15.43
C VAL A 57 -18.20 16.33 14.59
N SER A 58 -17.95 15.20 15.23
CA SER A 58 -17.42 14.04 14.53
C SER A 58 -18.42 12.90 14.48
N SER A 59 -18.43 12.18 13.36
CA SER A 59 -19.21 10.95 13.21
C SER A 59 -18.24 9.84 12.91
N PHE A 60 -18.33 8.76 13.67
CA PHE A 60 -17.42 7.63 13.56
C PHE A 60 -18.19 6.39 13.13
N ALA A 61 -17.67 5.70 12.12
CA ALA A 61 -18.24 4.45 11.62
C ALA A 61 -17.19 3.78 10.75
N SER A 62 -17.52 2.66 10.13
CA SER A 62 -16.58 2.09 9.18
C SER A 62 -16.34 3.08 8.05
N SER A 63 -15.11 3.12 7.54
CA SER A 63 -14.79 4.05 6.46
C SER A 63 -15.67 3.81 5.24
N SER A 64 -16.09 2.56 5.04
CA SER A 64 -17.03 2.20 3.97
C SER A 64 -18.36 2.92 4.15
N THR A 65 -18.95 2.78 5.33
CA THR A 65 -20.22 3.42 5.65
C THR A 65 -20.11 4.93 5.45
N LEU A 66 -19.02 5.53 5.93
CA LEU A 66 -18.83 6.97 5.82
C LEU A 66 -18.71 7.43 4.38
N ALA A 67 -17.88 6.74 3.60
CA ALA A 67 -17.69 7.08 2.19
C ALA A 67 -19.01 7.00 1.44
N ARG A 68 -19.80 5.98 1.74
CA ARG A 68 -21.07 5.79 1.06
C ARG A 68 -22.06 6.88 1.45
N GLN A 69 -22.06 7.28 2.73
CA GLN A 69 -22.90 8.39 3.18
C GLN A 69 -22.52 9.70 2.47
N ILE A 70 -21.23 9.94 2.31
CA ILE A 70 -20.76 11.16 1.65
C ILE A 70 -21.20 11.15 0.18
N GLU A 71 -21.09 9.99 -0.46
CA GLU A 71 -21.54 9.87 -1.85
C GLU A 71 -23.04 10.18 -1.96
N ALA A 72 -23.81 9.70 -0.99
CA ALA A 72 -25.26 9.89 -0.99
C ALA A 72 -25.70 11.29 -0.56
N GLY A 73 -24.79 12.09 -0.04
CA GLY A 73 -25.09 13.49 0.23
C GLY A 73 -24.94 14.05 1.65
N ALA A 74 -24.24 13.33 2.51
CA ALA A 74 -24.04 13.78 3.90
C ALA A 74 -23.33 15.13 3.99
N PRO A 75 -23.60 15.89 5.08
CA PRO A 75 -23.02 17.22 5.27
C PRO A 75 -21.59 17.24 5.85
N ALA A 76 -20.83 16.18 5.63
CA ALA A 76 -19.45 16.14 6.11
C ALA A 76 -18.56 17.16 5.40
N ASP A 77 -17.67 17.80 6.16
CA ASP A 77 -16.70 18.72 5.60
C ASP A 77 -15.38 18.03 5.29
N LEU A 78 -15.03 17.03 6.11
CA LEU A 78 -13.76 16.34 6.06
C LEU A 78 -13.98 14.86 6.21
N PHE A 79 -13.14 14.06 5.55
CA PHE A 79 -13.22 12.59 5.62
C PHE A 79 -11.83 12.03 5.88
N ILE A 80 -11.71 11.18 6.91
CA ILE A 80 -10.48 10.41 7.13
C ILE A 80 -10.86 8.93 7.10
N SER A 81 -10.24 8.20 6.18
CA SER A 81 -10.50 6.79 5.99
C SER A 81 -9.39 5.96 6.61
N ALA A 82 -9.70 4.73 7.03
CA ALA A 82 -8.67 3.81 7.55
C ALA A 82 -8.02 3.00 6.44
N ASP A 83 -8.42 3.23 5.19
CA ASP A 83 -7.72 2.67 4.04
C ASP A 83 -7.75 3.59 2.82
N GLN A 84 -6.84 3.33 1.89
CA GLN A 84 -6.83 4.07 0.65
C GLN A 84 -8.07 3.72 -0.18
N LYS A 85 -8.49 2.45 -0.12
CA LYS A 85 -9.63 1.95 -0.90
C LYS A 85 -10.87 2.84 -0.84
N TRP A 86 -11.30 3.18 0.37
CA TRP A 86 -12.56 3.89 0.50
C TRP A 86 -12.43 5.38 0.23
N MET A 87 -11.22 5.92 0.37
CA MET A 87 -10.96 7.27 -0.14
C MET A 87 -10.98 7.27 -1.66
N ASP A 88 -10.34 6.27 -2.28
CA ASP A 88 -10.36 6.17 -3.74
C ASP A 88 -11.80 6.06 -4.23
N TYR A 89 -12.62 5.35 -3.47
CA TYR A 89 -14.02 5.20 -3.83
C TYR A 89 -14.72 6.55 -3.84
N ALA A 90 -14.56 7.31 -2.76
CA ALA A 90 -15.22 8.59 -2.64
C ALA A 90 -14.74 9.54 -3.73
N VAL A 91 -13.46 9.48 -4.05
CA VAL A 91 -12.89 10.30 -5.12
C VAL A 91 -13.50 9.91 -6.47
N ASP A 92 -13.63 8.62 -6.71
CA ASP A 92 -14.17 8.13 -7.98
C ASP A 92 -15.60 8.58 -8.20
N LYS A 93 -16.34 8.75 -7.10
CA LYS A 93 -17.71 9.24 -7.13
C LYS A 93 -17.74 10.77 -7.19
N LYS A 94 -16.57 11.36 -7.40
CA LYS A 94 -16.39 12.82 -7.54
C LYS A 94 -16.89 13.62 -6.31
N ALA A 95 -16.71 13.02 -5.12
CA ALA A 95 -17.22 13.59 -3.88
C ALA A 95 -16.17 14.34 -3.05
N ILE A 96 -14.92 14.30 -3.49
CA ILE A 96 -13.79 14.77 -2.69
C ILE A 96 -13.05 15.91 -3.41
N ASP A 97 -12.53 16.86 -2.64
CA ASP A 97 -11.62 17.88 -3.17
C ASP A 97 -10.25 17.24 -3.26
N THR A 98 -9.88 16.76 -4.45
CA THR A 98 -8.67 15.94 -4.56
C THR A 98 -7.38 16.72 -4.31
N ALA A 99 -7.43 18.05 -4.47
CA ALA A 99 -6.26 18.87 -4.18
C ALA A 99 -5.85 18.80 -2.72
N THR A 100 -6.77 18.36 -1.86
CA THR A 100 -6.50 18.31 -0.43
C THR A 100 -6.14 16.91 0.08
N ARG A 101 -6.18 15.91 -0.78
CA ARG A 101 -5.95 14.55 -0.32
C ARG A 101 -4.48 14.29 0.02
N GLN A 102 -4.26 13.66 1.17
CA GLN A 102 -2.93 13.17 1.51
C GLN A 102 -3.01 12.07 2.54
N THR A 103 -1.96 11.26 2.60
CA THR A 103 -1.92 10.20 3.61
C THR A 103 -1.40 10.76 4.91
N LEU A 104 -2.19 10.60 5.97
CA LEU A 104 -1.93 11.25 7.25
C LEU A 104 -1.27 10.33 8.28
N LEU A 105 -1.77 9.11 8.39
CA LEU A 105 -1.36 8.22 9.47
C LEU A 105 -1.10 6.80 8.99
N GLY A 106 -0.36 6.07 9.80
CA GLY A 106 -0.23 4.63 9.65
C GLY A 106 -0.63 3.89 10.92
N ASN A 107 -0.70 2.58 10.83
CA ASN A 107 -1.15 1.74 11.95
C ASN A 107 -0.64 0.33 11.73
N SER A 108 -0.90 -0.55 12.69
CA SER A 108 -0.57 -1.97 12.55
C SER A 108 -1.84 -2.78 12.69
N LEU A 109 -1.77 -4.06 12.34
CA LEU A 109 -2.90 -4.95 12.49
C LEU A 109 -2.51 -6.00 13.52
N VAL A 110 -3.40 -6.24 14.48
CA VAL A 110 -3.08 -7.10 15.64
C VAL A 110 -4.23 -8.03 15.97
N VAL A 111 -3.94 -9.04 16.81
CA VAL A 111 -4.98 -9.82 17.46
C VAL A 111 -5.00 -9.44 18.92
N VAL A 112 -6.19 -9.16 19.44
CA VAL A 112 -6.38 -8.84 20.85
C VAL A 112 -7.18 -9.92 21.58
N ALA A 113 -6.94 -10.00 22.89
CA ALA A 113 -7.71 -10.86 23.79
C ALA A 113 -8.06 -10.03 25.02
N PRO A 114 -9.09 -10.43 25.77
CA PRO A 114 -9.38 -9.68 26.99
C PRO A 114 -8.24 -9.78 28.01
N LYS A 115 -8.00 -8.74 28.81
CA LYS A 115 -6.94 -8.83 29.82
C LYS A 115 -7.17 -9.95 30.82
N ALA A 116 -8.43 -10.26 31.06
CA ALA A 116 -8.78 -11.35 31.96
C ALA A 116 -8.55 -12.73 31.32
N SER A 117 -8.29 -12.75 30.02
CA SER A 117 -8.03 -14.01 29.31
C SER A 117 -6.73 -14.66 29.76
N VAL A 118 -6.66 -15.99 29.66
CA VAL A 118 -5.42 -16.69 29.95
C VAL A 118 -4.60 -16.90 28.67
N GLN A 119 -5.12 -16.38 27.56
CA GLN A 119 -4.42 -16.49 26.27
C GLN A 119 -2.99 -15.98 26.31
N LYS A 120 -2.05 -16.87 26.01
CA LYS A 120 -0.66 -16.47 25.89
C LYS A 120 -0.42 -15.78 24.56
N ASP A 121 0.67 -15.04 24.48
CA ASP A 121 1.07 -14.42 23.23
C ASP A 121 1.45 -15.50 22.22
N PHE A 122 1.10 -15.27 20.96
CA PHE A 122 1.43 -16.20 19.89
C PHE A 122 1.97 -15.47 18.66
N THR A 123 2.46 -16.23 17.70
CA THR A 123 3.05 -15.68 16.48
C THR A 123 2.08 -15.89 15.32
N ILE A 124 1.93 -14.88 14.48
CA ILE A 124 1.15 -14.99 13.26
C ILE A 124 2.07 -15.27 12.06
N ASP A 125 1.89 -16.46 11.50
CA ASP A 125 2.56 -16.87 10.27
C ASP A 125 1.72 -17.98 9.64
N SER A 126 2.26 -18.67 8.64
CA SER A 126 1.48 -19.69 7.93
C SER A 126 1.23 -20.94 8.78
N LYS A 127 1.91 -21.03 9.92
CA LYS A 127 1.80 -22.19 10.81
C LYS A 127 0.79 -22.01 11.95
N THR A 128 0.27 -20.78 12.10
CA THR A 128 -0.60 -20.47 13.22
C THR A 128 -1.81 -21.40 13.27
N ASN A 129 -2.05 -22.00 14.43
CA ASN A 129 -3.18 -22.90 14.60
C ASN A 129 -4.40 -22.16 15.14
N TRP A 130 -5.07 -21.44 14.26
CA TRP A 130 -6.23 -20.63 14.63
C TRP A 130 -7.34 -21.47 15.25
N THR A 131 -7.58 -22.65 14.70
CA THR A 131 -8.61 -23.55 15.22
C THR A 131 -8.39 -23.87 16.70
N SER A 132 -7.15 -24.20 17.05
CA SER A 132 -6.80 -24.49 18.43
C SER A 132 -6.91 -23.24 19.31
N LEU A 133 -6.46 -22.11 18.77
CA LEU A 133 -6.50 -20.86 19.53
C LEU A 133 -7.92 -20.42 19.86
N LEU A 134 -8.85 -20.71 18.94
CA LEU A 134 -10.23 -20.23 19.08
C LEU A 134 -11.10 -21.03 20.05
N ASN A 135 -10.71 -22.27 20.34
CA ASN A 135 -11.41 -23.06 21.36
C ASN A 135 -12.91 -23.20 21.13
N GLY A 136 -13.33 -23.33 19.87
CA GLY A 136 -14.73 -23.42 19.54
C GLY A 136 -15.40 -22.05 19.51
N GLY A 137 -14.64 -21.01 19.82
CA GLY A 137 -15.18 -19.66 19.77
C GLY A 137 -14.99 -19.03 18.41
N ARG A 138 -15.49 -17.81 18.25
CA ARG A 138 -15.39 -17.12 16.97
C ARG A 138 -14.33 -16.03 17.02
N LEU A 139 -13.83 -15.66 15.84
CA LEU A 139 -12.83 -14.60 15.73
C LEU A 139 -13.53 -13.31 15.31
N ALA A 140 -13.51 -12.31 16.19
CA ALA A 140 -14.14 -11.03 15.88
C ALA A 140 -13.32 -10.29 14.82
N VAL A 141 -14.01 -9.76 13.81
CA VAL A 141 -13.34 -8.99 12.74
C VAL A 141 -14.28 -7.91 12.26
N GLY A 142 -13.75 -6.85 11.67
CA GLY A 142 -14.60 -5.98 10.88
C GLY A 142 -15.13 -6.80 9.71
N ASP A 143 -16.37 -6.56 9.29
CA ASP A 143 -16.95 -7.31 8.18
C ASP A 143 -16.01 -7.24 6.98
N PRO A 144 -15.44 -8.38 6.57
CA PRO A 144 -14.41 -8.34 5.51
C PRO A 144 -14.97 -7.94 4.12
N GLU A 145 -16.29 -7.83 4.02
CA GLU A 145 -16.90 -7.38 2.78
C GLU A 145 -16.78 -5.88 2.58
N HIS A 146 -16.48 -5.13 3.64
CA HIS A 146 -16.44 -3.68 3.50
C HIS A 146 -15.64 -2.88 4.54
N VAL A 147 -15.54 -3.38 5.78
CA VAL A 147 -14.81 -2.64 6.81
C VAL A 147 -13.31 -2.71 6.53
N PRO A 148 -12.60 -1.56 6.49
CA PRO A 148 -11.15 -1.63 6.26
C PRO A 148 -10.41 -2.64 7.14
N ALA A 149 -10.73 -2.70 8.43
CA ALA A 149 -10.01 -3.63 9.29
C ALA A 149 -10.26 -5.08 8.87
N GLY A 150 -11.45 -5.36 8.35
CA GLY A 150 -11.77 -6.68 7.86
C GLY A 150 -11.11 -6.99 6.53
N ILE A 151 -10.99 -5.97 5.69
CA ILE A 151 -10.37 -6.12 4.38
C ILE A 151 -8.88 -6.39 4.57
N TYR A 152 -8.22 -5.64 5.45
CA TYR A 152 -6.82 -5.90 5.76
C TYR A 152 -6.67 -7.30 6.34
N ALA A 153 -7.57 -7.69 7.24
CA ALA A 153 -7.52 -9.01 7.87
C ALA A 153 -7.66 -10.12 6.84
N LYS A 154 -8.63 -10.00 5.95
CA LYS A 154 -8.84 -11.02 4.93
C LYS A 154 -7.62 -11.13 4.03
N GLU A 155 -7.03 -10.00 3.65
CA GLU A 155 -5.86 -10.05 2.78
C GLU A 155 -4.73 -10.84 3.47
N ALA A 156 -4.51 -10.55 4.74
CA ALA A 156 -3.44 -11.20 5.49
C ALA A 156 -3.72 -12.68 5.66
N LEU A 157 -4.94 -13.01 6.06
CA LEU A 157 -5.30 -14.41 6.28
C LEU A 157 -5.25 -15.22 4.99
N GLN A 158 -5.60 -14.60 3.87
CA GLN A 158 -5.48 -15.29 2.58
C GLN A 158 -4.02 -15.55 2.24
N LYS A 159 -3.16 -14.57 2.44
CA LYS A 159 -1.74 -14.71 2.15
C LYS A 159 -1.09 -15.79 3.02
N LEU A 160 -1.57 -15.91 4.27
CA LEU A 160 -1.02 -16.87 5.23
C LEU A 160 -1.66 -18.25 5.09
N GLY A 161 -2.67 -18.36 4.25
CA GLY A 161 -3.31 -19.65 4.01
C GLY A 161 -4.31 -20.07 5.06
N ALA A 162 -4.80 -19.09 5.83
CA ALA A 162 -5.69 -19.36 6.96
C ALA A 162 -7.14 -19.03 6.68
N TRP A 163 -7.40 -18.34 5.57
CA TRP A 163 -8.73 -17.79 5.30
C TRP A 163 -9.84 -18.84 5.20
N ASP A 164 -9.60 -19.92 4.46
CA ASP A 164 -10.64 -20.94 4.27
C ASP A 164 -11.02 -21.62 5.58
N THR A 165 -10.02 -21.80 6.45
CA THR A 165 -10.22 -22.35 7.78
C THR A 165 -11.05 -21.40 8.64
N LEU A 166 -10.72 -20.11 8.56
CA LEU A 166 -11.31 -19.11 9.46
C LEU A 166 -12.63 -18.54 9.00
N SER A 167 -12.85 -18.48 7.70
CA SER A 167 -14.07 -17.84 7.17
C SER A 167 -15.39 -18.33 7.79
N PRO A 168 -15.51 -19.63 8.12
CA PRO A 168 -16.77 -19.98 8.78
C PRO A 168 -16.75 -19.72 10.29
N LYS A 169 -15.63 -19.23 10.81
CA LYS A 169 -15.47 -19.05 12.26
C LYS A 169 -15.46 -17.57 12.67
N LEU A 170 -15.90 -16.69 11.79
CA LEU A 170 -15.81 -15.25 12.06
C LEU A 170 -17.03 -14.70 12.80
N ALA A 171 -16.80 -13.66 13.58
CA ALA A 171 -17.87 -12.87 14.15
C ALA A 171 -17.71 -11.47 13.58
N PRO A 172 -18.33 -11.22 12.43
CA PRO A 172 -18.15 -9.92 11.76
C PRO A 172 -18.88 -8.79 12.49
N ALA A 173 -18.31 -7.58 12.43
CA ALA A 173 -18.90 -6.40 13.03
C ALA A 173 -18.96 -5.26 12.04
N GLU A 174 -19.78 -4.25 12.37
CA GLU A 174 -20.04 -3.17 11.43
C GLU A 174 -18.90 -2.17 11.29
N ASP A 175 -17.99 -2.17 12.26
CA ASP A 175 -16.74 -1.41 12.13
C ASP A 175 -15.70 -2.01 13.07
N VAL A 176 -14.48 -1.50 13.03
CA VAL A 176 -13.44 -2.15 13.83
C VAL A 176 -13.72 -2.03 15.32
N ARG A 177 -14.41 -0.95 15.72
CA ARG A 177 -14.75 -0.80 17.13
C ARG A 177 -15.86 -1.76 17.57
N GLY A 178 -16.67 -2.21 16.63
CA GLY A 178 -17.63 -3.27 16.92
C GLY A 178 -16.90 -4.59 17.14
N ALA A 179 -15.84 -4.84 16.37
CA ALA A 179 -15.02 -6.04 16.56
C ALA A 179 -14.32 -5.98 17.90
N LEU A 180 -13.75 -4.83 18.24
CA LEU A 180 -13.08 -4.63 19.53
C LEU A 180 -14.06 -4.90 20.65
N ALA A 181 -15.29 -4.38 20.50
CA ALA A 181 -16.31 -4.55 21.54
C ALA A 181 -16.67 -6.00 21.77
N LEU A 182 -16.70 -6.82 20.72
CA LEU A 182 -17.00 -8.24 20.92
C LEU A 182 -15.97 -8.91 21.82
N VAL A 183 -14.71 -8.49 21.69
CA VAL A 183 -13.64 -9.06 22.51
C VAL A 183 -13.69 -8.48 23.92
N GLU A 184 -13.83 -7.17 24.03
CA GLU A 184 -13.99 -6.50 25.33
C GLU A 184 -15.11 -7.16 26.14
N ARG A 185 -16.20 -7.53 25.48
CA ARG A 185 -17.38 -8.10 26.14
C ARG A 185 -17.31 -9.62 26.31
N ASN A 186 -16.17 -10.22 25.95
CA ASN A 186 -15.98 -11.68 26.01
C ASN A 186 -16.98 -12.49 25.17
N GLU A 187 -17.52 -11.86 24.14
CA GLU A 187 -18.38 -12.56 23.20
C GLU A 187 -17.58 -13.32 22.14
N ALA A 188 -16.32 -12.92 21.97
CA ALA A 188 -15.38 -13.62 21.10
C ALA A 188 -14.05 -13.62 21.84
N PRO A 189 -13.33 -14.75 21.82
CA PRO A 189 -12.12 -14.83 22.64
C PRO A 189 -10.93 -14.08 22.04
N LEU A 190 -10.98 -13.87 20.73
CA LEU A 190 -9.91 -13.17 20.01
C LEU A 190 -10.55 -12.27 18.98
N GLY A 191 -9.86 -11.19 18.62
CA GLY A 191 -10.35 -10.35 17.54
C GLY A 191 -9.21 -9.71 16.78
N ILE A 192 -9.44 -9.44 15.50
CA ILE A 192 -8.46 -8.69 14.70
C ILE A 192 -8.86 -7.22 14.63
N VAL A 193 -8.00 -6.39 15.19
CA VAL A 193 -8.22 -4.93 15.23
C VAL A 193 -6.90 -4.23 14.91
N TYR A 194 -6.87 -2.92 15.01
CA TYR A 194 -5.61 -2.20 14.80
C TYR A 194 -4.81 -2.11 16.10
N GLY A 195 -3.50 -1.94 15.96
CA GLY A 195 -2.66 -1.69 17.13
C GLY A 195 -3.20 -0.54 17.97
N SER A 196 -3.68 0.52 17.30
CA SER A 196 -4.19 1.68 18.02
C SER A 196 -5.41 1.32 18.87
N ASP A 197 -6.22 0.36 18.41
CA ASP A 197 -7.40 -0.04 19.15
C ASP A 197 -7.02 -0.66 20.50
N ALA A 198 -5.93 -1.41 20.53
CA ALA A 198 -5.49 -1.97 21.80
C ALA A 198 -5.00 -0.86 22.71
N VAL A 199 -4.33 0.15 22.14
CA VAL A 199 -3.82 1.27 22.93
C VAL A 199 -4.98 2.04 23.58
N ALA A 200 -6.11 2.12 22.89
CA ALA A 200 -7.25 2.87 23.41
C ALA A 200 -8.11 2.11 24.41
N SER A 201 -7.96 0.78 24.45
CA SER A 201 -8.84 -0.09 25.24
C SER A 201 -8.22 -0.58 26.55
N LYS A 202 -8.88 -0.26 27.67
CA LYS A 202 -8.48 -0.78 28.98
C LYS A 202 -8.64 -2.30 29.07
N GLY A 203 -9.59 -2.85 28.32
CA GLY A 203 -10.05 -4.21 28.51
C GLY A 203 -9.56 -5.27 27.53
N VAL A 204 -8.62 -4.91 26.67
CA VAL A 204 -7.96 -5.92 25.84
C VAL A 204 -6.49 -5.61 25.74
N LYS A 205 -5.72 -6.64 25.41
CA LYS A 205 -4.27 -6.57 25.24
C LYS A 205 -3.93 -7.21 23.90
N VAL A 206 -2.85 -6.74 23.27
CA VAL A 206 -2.34 -7.41 22.07
C VAL A 206 -1.75 -8.74 22.47
N VAL A 207 -2.14 -9.80 21.76
CA VAL A 207 -1.54 -11.11 21.97
C VAL A 207 -0.76 -11.60 20.74
N ALA A 208 -0.94 -10.92 19.61
CA ALA A 208 -0.15 -11.20 18.42
C ALA A 208 -0.22 -10.01 17.48
N THR A 209 0.83 -9.81 16.68
CA THR A 209 0.88 -8.73 15.71
C THR A 209 1.07 -9.33 14.32
N PHE A 210 0.27 -8.89 13.35
CA PHE A 210 0.44 -9.36 11.98
C PHE A 210 1.76 -8.86 11.41
N PRO A 211 2.51 -9.73 10.72
CA PRO A 211 3.69 -9.25 10.03
C PRO A 211 3.31 -8.16 9.02
N GLU A 212 4.13 -7.12 8.90
CA GLU A 212 3.78 -6.04 7.99
C GLU A 212 3.72 -6.53 6.54
N ASP A 213 4.50 -7.56 6.21
CA ASP A 213 4.48 -8.05 4.83
C ASP A 213 3.24 -8.90 4.50
N SER A 214 2.38 -9.13 5.47
CA SER A 214 1.21 -9.99 5.24
C SER A 214 0.01 -9.24 4.64
N HIS A 215 0.05 -7.91 4.63
CA HIS A 215 -1.08 -7.12 4.14
C HIS A 215 -0.62 -5.76 3.61
N LYS A 216 -1.49 -5.08 2.87
CA LYS A 216 -1.26 -3.69 2.48
C LYS A 216 -1.00 -2.85 3.72
N LYS A 217 -0.07 -1.90 3.64
CA LYS A 217 0.18 -0.97 4.73
C LYS A 217 -1.13 -0.35 5.21
N VAL A 218 -1.36 -0.35 6.51
CA VAL A 218 -2.53 0.35 7.03
C VAL A 218 -2.24 1.83 6.98
N GLU A 219 -3.04 2.55 6.19
CA GLU A 219 -2.81 3.98 5.94
C GLU A 219 -4.12 4.73 5.98
N TYR A 220 -4.07 5.93 6.53
CA TYR A 220 -5.24 6.78 6.68
C TYR A 220 -5.12 8.04 5.84
N PRO A 221 -5.76 8.07 4.66
CA PRO A 221 -5.84 9.33 3.91
C PRO A 221 -6.90 10.28 4.49
N VAL A 222 -6.62 11.57 4.40
CA VAL A 222 -7.55 12.61 4.78
C VAL A 222 -7.81 13.50 3.56
N ALA A 223 -9.02 14.01 3.44
CA ALA A 223 -9.33 14.97 2.38
C ALA A 223 -10.53 15.78 2.79
N VAL A 224 -10.61 16.99 2.24
CA VAL A 224 -11.80 17.81 2.35
C VAL A 224 -12.84 17.35 1.32
N VAL A 225 -14.10 17.35 1.73
CA VAL A 225 -15.19 16.98 0.83
C VAL A 225 -15.35 18.08 -0.22
N GLU A 226 -15.67 17.67 -1.44
CA GLU A 226 -15.74 18.60 -2.57
C GLU A 226 -16.64 19.78 -2.21
N GLY A 227 -16.13 20.99 -2.38
CA GLY A 227 -16.93 22.17 -2.13
C GLY A 227 -16.98 22.64 -0.69
N HIS A 228 -16.27 21.97 0.20
CA HIS A 228 -16.32 22.31 1.62
C HIS A 228 -15.07 22.99 2.17
N ASN A 229 -14.10 23.33 1.32
CA ASN A 229 -12.83 23.86 1.81
C ASN A 229 -12.86 25.37 2.09
N ASN A 230 -13.71 25.78 3.02
CA ASN A 230 -13.76 27.17 3.46
C ASN A 230 -12.67 27.45 4.49
N ALA A 231 -12.59 28.68 4.99
CA ALA A 231 -11.49 29.04 5.88
C ALA A 231 -11.48 28.23 7.18
N THR A 232 -12.67 27.94 7.71
CA THR A 232 -12.77 27.25 8.99
C THR A 232 -12.36 25.79 8.84
N VAL A 233 -12.86 25.16 7.79
CA VAL A 233 -12.47 23.79 7.47
C VAL A 233 -10.97 23.70 7.21
N LYS A 234 -10.44 24.66 6.47
CA LYS A 234 -9.01 24.69 6.20
C LYS A 234 -8.18 24.81 7.49
N ALA A 235 -8.67 25.62 8.44
CA ALA A 235 -7.97 25.76 9.70
C ALA A 235 -7.87 24.43 10.45
N PHE A 236 -8.97 23.67 10.44
CA PHE A 236 -8.94 22.37 11.12
C PHE A 236 -8.08 21.34 10.37
N TYR A 237 -8.20 21.32 9.05
CA TYR A 237 -7.36 20.47 8.21
C TYR A 237 -5.89 20.72 8.52
N ASP A 238 -5.49 21.99 8.58
CA ASP A 238 -4.11 22.33 8.91
C ASP A 238 -3.75 21.85 10.32
N TYR A 239 -4.70 21.95 11.24
CA TYR A 239 -4.47 21.53 12.63
C TYR A 239 -4.20 20.02 12.69
N LEU A 240 -4.88 19.24 11.86
CA LEU A 240 -4.67 17.80 11.81
C LEU A 240 -3.24 17.45 11.41
N LYS A 241 -2.61 18.36 10.65
CA LYS A 241 -1.24 18.17 10.20
C LYS A 241 -0.21 18.82 11.12
N GLY A 242 -0.67 19.42 12.22
CA GLY A 242 0.20 20.14 13.14
C GLY A 242 0.69 19.31 14.32
N PRO A 243 1.53 19.92 15.15
CA PRO A 243 2.19 19.20 16.26
C PRO A 243 1.25 18.82 17.41
N GLN A 244 0.23 19.62 17.69
CA GLN A 244 -0.71 19.26 18.76
C GLN A 244 -1.46 17.98 18.40
N ALA A 245 -1.96 17.91 17.17
CA ALA A 245 -2.66 16.72 16.73
C ALA A 245 -1.71 15.52 16.64
N ALA A 246 -0.48 15.76 16.17
CA ALA A 246 0.48 14.67 16.04
C ALA A 246 0.75 14.01 17.38
N GLU A 247 0.85 14.83 18.42
CA GLU A 247 1.06 14.30 19.77
C GLU A 247 -0.09 13.40 20.19
N ILE A 248 -1.31 13.80 19.85
CA ILE A 248 -2.48 13.00 20.23
C ILE A 248 -2.55 11.71 19.42
N PHE A 249 -2.33 11.81 18.11
CA PHE A 249 -2.30 10.63 17.26
C PHE A 249 -1.27 9.59 17.76
N LYS A 250 -0.09 10.06 18.12
CA LYS A 250 0.94 9.15 18.60
C LYS A 250 0.55 8.52 19.94
N ARG A 251 -0.05 9.32 20.82
CA ARG A 251 -0.53 8.79 22.10
C ARG A 251 -1.47 7.62 21.90
N TYR A 252 -2.29 7.69 20.85
CA TYR A 252 -3.28 6.64 20.59
C TYR A 252 -2.78 5.50 19.72
N GLY A 253 -1.48 5.49 19.40
CA GLY A 253 -0.89 4.35 18.73
C GLY A 253 -0.70 4.46 17.24
N PHE A 254 -1.05 5.61 16.67
CA PHE A 254 -0.87 5.85 15.24
C PHE A 254 0.54 6.30 14.94
N THR A 255 1.00 6.02 13.72
CA THR A 255 2.26 6.59 13.25
C THR A 255 1.97 7.78 12.36
N ILE A 256 2.87 8.76 12.36
CA ILE A 256 2.69 9.99 11.62
C ILE A 256 3.41 9.91 10.28
N LYS A 257 2.67 10.08 9.19
CA LYS A 257 3.25 10.02 7.85
C LYS A 257 3.96 11.32 7.50
N GLY B 27 2.59 -25.94 -2.03
CA GLY B 27 3.35 -24.98 -1.27
C GLY B 27 4.72 -25.51 -0.86
N LYS B 28 5.61 -24.62 -0.45
CA LYS B 28 5.36 -23.18 -0.50
C LYS B 28 6.60 -22.46 -0.98
N ILE B 29 6.43 -21.59 -1.98
CA ILE B 29 7.53 -20.83 -2.57
C ILE B 29 7.39 -19.38 -2.15
N THR B 30 8.49 -18.75 -1.77
CA THR B 30 8.48 -17.33 -1.45
C THR B 30 9.20 -16.56 -2.54
N VAL B 31 8.50 -15.62 -3.17
CA VAL B 31 9.10 -14.80 -4.23
C VAL B 31 9.21 -13.34 -3.79
N PHE B 32 10.40 -12.76 -3.94
CA PHE B 32 10.59 -11.31 -3.76
C PHE B 32 10.66 -10.69 -5.16
N ALA B 33 9.75 -9.79 -5.48
CA ALA B 33 9.71 -9.21 -6.82
C ALA B 33 9.50 -7.72 -6.79
N ALA B 34 10.20 -7.02 -7.69
CA ALA B 34 10.02 -5.59 -7.93
C ALA B 34 8.55 -5.22 -7.93
N ALA B 35 8.26 -4.07 -7.32
CA ALA B 35 6.88 -3.56 -7.23
C ALA B 35 6.18 -3.48 -8.58
N SER B 36 6.91 -3.16 -9.64
CA SER B 36 6.27 -3.10 -10.94
C SER B 36 5.71 -4.45 -11.39
N LEU B 37 6.16 -5.54 -10.78
CA LEU B 37 5.69 -6.88 -11.13
C LEU B 37 4.49 -7.33 -10.34
N THR B 38 3.95 -6.46 -9.48
CA THR B 38 2.87 -6.84 -8.57
C THR B 38 1.73 -7.61 -9.24
N ASN B 39 1.12 -7.02 -10.26
CA ASN B 39 -0.07 -7.65 -10.85
C ASN B 39 0.27 -8.90 -11.63
N ALA B 40 1.32 -8.84 -12.45
CA ALA B 40 1.73 -10.00 -13.23
C ALA B 40 2.05 -11.19 -12.33
N MET B 41 2.84 -10.94 -11.29
CA MET B 41 3.27 -12.03 -10.44
C MET B 41 2.12 -12.58 -9.60
N GLN B 42 1.18 -11.74 -9.19
CA GLN B 42 -0.03 -12.24 -8.53
C GLN B 42 -0.81 -13.18 -9.44
N ASP B 43 -0.98 -12.80 -10.69
CA ASP B 43 -1.75 -13.63 -11.63
C ASP B 43 -0.99 -14.92 -11.93
N ILE B 44 0.33 -14.84 -12.08
CA ILE B 44 1.13 -16.04 -12.32
C ILE B 44 1.05 -16.99 -11.13
N ALA B 45 1.13 -16.45 -9.92
CA ALA B 45 1.01 -17.28 -8.72
C ALA B 45 -0.33 -17.99 -8.67
N THR B 46 -1.39 -17.27 -9.01
CA THR B 46 -2.74 -17.83 -9.02
C THR B 46 -2.86 -18.99 -10.00
N GLN B 47 -2.34 -18.80 -11.22
CA GLN B 47 -2.42 -19.84 -12.23
C GLN B 47 -1.55 -21.04 -11.88
N PHE B 48 -0.38 -20.77 -11.31
CA PHE B 48 0.53 -21.85 -10.90
C PHE B 48 -0.10 -22.71 -9.81
N LYS B 49 -0.72 -22.07 -8.82
CA LYS B 49 -1.44 -22.80 -7.78
C LYS B 49 -2.53 -23.69 -8.39
N LYS B 50 -3.30 -23.14 -9.31
CA LYS B 50 -4.37 -23.91 -9.93
C LYS B 50 -3.84 -25.13 -10.69
N GLU B 51 -2.75 -24.95 -11.41
CA GLU B 51 -2.23 -26.00 -12.30
C GLU B 51 -1.31 -26.99 -11.61
N LYS B 52 -0.58 -26.53 -10.60
CA LYS B 52 0.45 -27.37 -9.97
C LYS B 52 0.18 -27.65 -8.49
N GLY B 53 -0.78 -26.93 -7.91
CA GLY B 53 -1.12 -27.15 -6.52
C GLY B 53 -0.08 -26.65 -5.52
N VAL B 54 0.76 -25.73 -5.96
CA VAL B 54 1.79 -25.17 -5.09
C VAL B 54 1.48 -23.72 -4.75
N ASP B 55 1.58 -23.37 -3.48
CA ASP B 55 1.34 -21.99 -3.04
C ASP B 55 2.57 -21.15 -3.26
N VAL B 56 2.38 -20.02 -3.94
CA VAL B 56 3.45 -19.04 -4.15
C VAL B 56 3.10 -17.77 -3.40
N VAL B 57 3.95 -17.39 -2.45
CA VAL B 57 3.73 -16.21 -1.63
C VAL B 57 4.68 -15.14 -2.10
N SER B 58 4.15 -13.99 -2.50
CA SER B 58 4.99 -12.94 -3.08
C SER B 58 5.09 -11.72 -2.18
N SER B 59 6.27 -11.12 -2.14
CA SER B 59 6.49 -9.84 -1.46
C SER B 59 6.97 -8.84 -2.50
N PHE B 60 6.30 -7.70 -2.57
CA PHE B 60 6.60 -6.68 -3.56
C PHE B 60 7.08 -5.41 -2.88
N ALA B 61 8.19 -4.87 -3.37
CA ALA B 61 8.75 -3.60 -2.88
C ALA B 61 9.75 -3.13 -3.90
N SER B 62 10.45 -2.03 -3.62
CA SER B 62 11.53 -1.63 -4.51
C SER B 62 12.57 -2.75 -4.58
N SER B 63 13.14 -2.96 -5.75
CA SER B 63 14.16 -4.01 -5.90
C SER B 63 15.32 -3.79 -4.93
N SER B 64 15.61 -2.53 -4.61
CA SER B 64 16.64 -2.18 -3.62
C SER B 64 16.29 -2.74 -2.24
N THR B 65 15.08 -2.44 -1.78
CA THR B 65 14.59 -2.94 -0.50
C THR B 65 14.66 -4.46 -0.45
N LEU B 66 14.22 -5.12 -1.52
CA LEU B 66 14.20 -6.57 -1.56
C LEU B 66 15.60 -7.15 -1.53
N ALA B 67 16.52 -6.61 -2.33
CA ALA B 67 17.89 -7.10 -2.38
C ALA B 67 18.55 -6.96 -1.03
N ARG B 68 18.30 -5.85 -0.35
CA ARG B 68 18.92 -5.63 0.95
C ARG B 68 18.32 -6.55 2.00
N GLN B 69 17.03 -6.84 1.92
CA GLN B 69 16.41 -7.81 2.82
C GLN B 69 17.01 -9.21 2.63
N ILE B 70 17.23 -9.59 1.37
CA ILE B 70 17.82 -10.90 1.07
C ILE B 70 19.25 -10.97 1.62
N GLU B 71 20.00 -9.90 1.46
CA GLU B 71 21.35 -9.83 2.02
C GLU B 71 21.32 -10.01 3.54
N ALA B 72 20.34 -9.40 4.19
CA ALA B 72 20.22 -9.45 5.65
C ALA B 72 19.62 -10.75 6.17
N GLY B 73 19.09 -11.60 5.28
CA GLY B 73 18.68 -12.94 5.67
C GLY B 73 17.25 -13.40 5.49
N ALA B 74 16.49 -12.70 4.66
CA ALA B 74 15.10 -13.05 4.38
C ALA B 74 14.91 -14.47 3.85
N PRO B 75 13.71 -15.04 4.03
CA PRO B 75 13.45 -16.40 3.53
C PRO B 75 13.00 -16.49 2.07
N ALA B 76 13.38 -15.53 1.24
CA ALA B 76 13.01 -15.57 -0.17
C ALA B 76 13.70 -16.73 -0.90
N ASP B 77 12.94 -17.38 -1.79
CA ASP B 77 13.49 -18.44 -2.63
C ASP B 77 13.95 -17.90 -3.99
N LEU B 78 13.26 -16.88 -4.47
CA LEU B 78 13.48 -16.33 -5.80
C LEU B 78 13.44 -14.81 -5.72
N PHE B 79 14.23 -14.16 -6.57
CA PHE B 79 14.31 -12.70 -6.63
C PHE B 79 14.21 -12.25 -8.08
N ILE B 80 13.28 -11.33 -8.36
CA ILE B 80 13.22 -10.66 -9.66
C ILE B 80 13.37 -9.16 -9.42
N SER B 81 14.40 -8.58 -10.01
CA SER B 81 14.71 -7.16 -9.87
C SER B 81 14.24 -6.39 -11.10
N ALA B 82 13.91 -5.11 -10.93
CA ALA B 82 13.56 -4.24 -12.06
C ALA B 82 14.80 -3.59 -12.69
N ASP B 83 15.98 -3.92 -12.17
CA ASP B 83 17.23 -3.52 -12.82
C ASP B 83 18.35 -4.52 -12.61
N GLN B 84 19.37 -4.43 -13.45
CA GLN B 84 20.54 -5.28 -13.30
C GLN B 84 21.30 -4.88 -12.03
N LYS B 85 21.32 -3.59 -11.72
CA LYS B 85 22.07 -3.05 -10.59
C LYS B 85 21.83 -3.81 -9.28
N TRP B 86 20.57 -4.00 -8.92
CA TRP B 86 20.28 -4.58 -7.63
C TRP B 86 20.41 -6.10 -7.59
N MET B 87 20.28 -6.74 -8.75
CA MET B 87 20.70 -8.14 -8.85
C MET B 87 22.23 -8.27 -8.71
N ASP B 88 22.97 -7.38 -9.36
CA ASP B 88 24.43 -7.40 -9.24
C ASP B 88 24.81 -7.20 -7.78
N TYR B 89 24.08 -6.34 -7.08
CA TYR B 89 24.34 -6.09 -5.68
C TYR B 89 24.15 -7.37 -4.87
N ALA B 90 23.02 -8.03 -5.05
CA ALA B 90 22.72 -9.25 -4.30
C ALA B 90 23.76 -10.33 -4.59
N VAL B 91 24.17 -10.44 -5.84
CA VAL B 91 25.21 -11.39 -6.23
C VAL B 91 26.54 -11.08 -5.56
N ASP B 92 26.89 -9.80 -5.51
CA ASP B 92 28.16 -9.36 -4.93
C ASP B 92 28.23 -9.71 -3.44
N LYS B 93 27.08 -9.70 -2.78
CA LYS B 93 26.96 -10.07 -1.38
C LYS B 93 26.85 -11.59 -1.22
N LYS B 94 27.08 -12.30 -2.32
CA LYS B 94 27.10 -13.77 -2.36
C LYS B 94 25.77 -14.41 -1.92
N ALA B 95 24.66 -13.73 -2.21
CA ALA B 95 23.34 -14.13 -1.76
C ALA B 95 22.52 -14.91 -2.81
N ILE B 96 23.07 -15.04 -4.01
CA ILE B 96 22.32 -15.53 -5.16
C ILE B 96 22.98 -16.79 -5.73
N ASP B 97 22.17 -17.72 -6.23
CA ASP B 97 22.67 -18.87 -7.00
C ASP B 97 22.91 -18.36 -8.42
N THR B 98 24.17 -18.02 -8.72
CA THR B 98 24.45 -17.34 -9.97
C THR B 98 24.20 -18.20 -11.20
N ALA B 99 24.22 -19.52 -11.03
CA ALA B 99 23.96 -20.42 -12.14
C ALA B 99 22.55 -20.29 -12.69
N THR B 100 21.67 -19.68 -11.91
CA THR B 100 20.26 -19.52 -12.29
C THR B 100 19.93 -18.12 -12.81
N ARG B 101 20.89 -17.21 -12.78
CA ARG B 101 20.58 -15.84 -13.17
C ARG B 101 20.39 -15.69 -14.67
N GLN B 102 19.33 -14.98 -15.06
CA GLN B 102 19.17 -14.57 -16.44
C GLN B 102 18.20 -13.41 -16.54
N THR B 103 18.27 -12.71 -17.66
CA THR B 103 17.39 -11.57 -17.89
C THR B 103 16.08 -12.06 -18.46
N LEU B 104 14.99 -11.74 -17.77
CA LEU B 104 13.67 -12.29 -18.09
C LEU B 104 12.79 -11.35 -18.91
N LEU B 105 12.77 -10.07 -18.54
CA LEU B 105 11.81 -9.12 -19.10
C LEU B 105 12.44 -7.79 -19.45
N GLY B 106 11.75 -7.06 -20.32
CA GLY B 106 12.05 -5.67 -20.58
C GLY B 106 10.83 -4.79 -20.34
N ASN B 107 11.04 -3.48 -20.36
CA ASN B 107 9.97 -2.52 -20.09
C ASN B 107 10.38 -1.19 -20.71
N SER B 108 9.49 -0.20 -20.62
CA SER B 108 9.78 1.16 -21.05
C SER B 108 9.63 2.10 -19.87
N LEU B 109 10.09 3.32 -20.02
CA LEU B 109 9.95 4.34 -18.99
C LEU B 109 9.04 5.43 -19.56
N VAL B 110 8.04 5.82 -18.78
CA VAL B 110 7.01 6.75 -19.27
C VAL B 110 6.69 7.82 -18.24
N VAL B 111 5.97 8.85 -18.68
CA VAL B 111 5.32 9.79 -17.78
C VAL B 111 3.83 9.55 -17.84
N VAL B 112 3.20 9.44 -16.67
CA VAL B 112 1.75 9.25 -16.59
C VAL B 112 1.08 10.46 -15.95
N ALA B 113 -0.20 10.63 -16.28
CA ALA B 113 -1.06 11.63 -15.67
C ALA B 113 -2.40 10.95 -15.36
N PRO B 114 -3.19 11.52 -14.43
CA PRO B 114 -4.50 10.90 -14.22
C PRO B 114 -5.40 11.00 -15.45
N LYS B 115 -6.31 10.04 -15.66
CA LYS B 115 -7.20 10.11 -16.82
C LYS B 115 -8.11 11.32 -16.76
N ALA B 116 -8.39 11.79 -15.55
CA ALA B 116 -9.20 13.00 -15.38
C ALA B 116 -8.41 14.29 -15.62
N SER B 117 -7.09 14.18 -15.75
CA SER B 117 -6.26 15.34 -16.06
C SER B 117 -6.55 15.87 -17.45
N VAL B 118 -6.33 17.16 -17.66
CA VAL B 118 -6.45 17.71 -19.01
C VAL B 118 -5.10 17.73 -19.71
N GLN B 119 -4.08 17.17 -19.05
CA GLN B 119 -2.74 17.13 -19.63
C GLN B 119 -2.70 16.49 -21.01
N LYS B 120 -2.25 17.26 -21.99
CA LYS B 120 -2.07 16.73 -23.33
C LYS B 120 -0.80 15.90 -23.40
N ASP B 121 -0.72 15.06 -24.42
CA ASP B 121 0.48 14.29 -24.68
C ASP B 121 1.62 15.22 -25.07
N PHE B 122 2.81 14.93 -24.55
CA PHE B 122 3.99 15.71 -24.88
C PHE B 122 5.17 14.82 -25.26
N THR B 123 6.25 15.46 -25.72
CA THR B 123 7.44 14.76 -26.15
C THR B 123 8.55 14.97 -25.13
N ILE B 124 9.28 13.91 -24.82
CA ILE B 124 10.44 14.00 -23.95
C ILE B 124 11.72 14.07 -24.79
N ASP B 125 12.40 15.21 -24.68
CA ASP B 125 13.71 15.43 -25.27
C ASP B 125 14.37 16.56 -24.50
N SER B 126 15.46 17.12 -25.03
CA SER B 126 16.18 18.14 -24.28
C SER B 126 15.44 19.47 -24.21
N LYS B 127 14.38 19.60 -24.99
CA LYS B 127 13.61 20.84 -25.06
C LYS B 127 12.39 20.84 -24.13
N THR B 128 12.07 19.70 -23.53
CA THR B 128 10.87 19.57 -22.72
C THR B 128 10.85 20.61 -21.59
N ASN B 129 9.75 21.35 -21.51
CA ASN B 129 9.61 22.35 -20.46
C ASN B 129 8.88 21.78 -19.24
N TRP B 130 9.63 21.08 -18.41
CA TRP B 130 9.07 20.41 -17.23
C TRP B 130 8.44 21.38 -16.26
N THR B 131 9.07 22.53 -16.08
CA THR B 131 8.56 23.56 -15.17
C THR B 131 7.13 23.97 -15.54
N SER B 132 6.91 24.21 -16.82
CA SER B 132 5.59 24.57 -17.32
C SER B 132 4.59 23.43 -17.18
N LEU B 133 5.04 22.22 -17.50
CA LEU B 133 4.18 21.04 -17.41
C LEU B 133 3.69 20.78 -15.98
N LEU B 134 4.55 21.09 -15.01
CA LEU B 134 4.26 20.78 -13.61
C LEU B 134 3.30 21.72 -12.89
N ASN B 135 3.14 22.95 -13.40
CA ASN B 135 2.18 23.90 -12.83
C ASN B 135 2.38 24.19 -11.34
N GLY B 136 3.63 24.18 -10.90
CA GLY B 136 3.93 24.37 -9.49
C GLY B 136 3.76 23.09 -8.69
N GLY B 137 3.30 22.03 -9.36
CA GLY B 137 3.18 20.73 -8.71
C GLY B 137 4.48 19.97 -8.75
N ARG B 138 4.51 18.80 -8.12
CA ARG B 138 5.74 18.01 -8.06
C ARG B 138 5.66 16.80 -9.00
N LEU B 139 6.82 16.28 -9.37
CA LEU B 139 6.92 15.12 -10.25
C LEU B 139 7.14 13.87 -9.40
N ALA B 140 6.17 12.96 -9.39
CA ALA B 140 6.31 11.71 -8.65
C ALA B 140 7.35 10.81 -9.31
N VAL B 141 8.25 10.25 -8.49
CA VAL B 141 9.29 9.34 -9.00
C VAL B 141 9.60 8.32 -7.93
N GLY B 142 10.12 7.16 -8.32
CA GLY B 142 10.76 6.31 -7.33
C GLY B 142 11.96 7.08 -6.79
N ASP B 143 12.25 6.93 -5.51
CA ASP B 143 13.37 7.63 -4.89
C ASP B 143 14.64 7.37 -5.71
N PRO B 144 15.20 8.40 -6.35
CA PRO B 144 16.33 8.15 -7.26
C PRO B 144 17.61 7.71 -6.57
N GLU B 145 17.62 7.72 -5.24
CA GLU B 145 18.77 7.23 -4.51
C GLU B 145 18.82 5.71 -4.45
N HIS B 146 17.70 5.03 -4.78
CA HIS B 146 17.72 3.57 -4.69
C HIS B 146 16.68 2.80 -5.50
N VAL B 147 15.50 3.38 -5.75
CA VAL B 147 14.47 2.67 -6.49
C VAL B 147 14.85 2.58 -7.96
N PRO B 148 14.83 1.38 -8.56
CA PRO B 148 15.19 1.27 -9.98
C PRO B 148 14.47 2.29 -10.87
N ALA B 149 13.16 2.49 -10.70
CA ALA B 149 12.45 3.43 -11.56
C ALA B 149 13.00 4.84 -11.39
N GLY B 150 13.45 5.17 -10.19
CA GLY B 150 14.04 6.48 -9.92
C GLY B 150 15.43 6.59 -10.49
N ILE B 151 16.19 5.50 -10.45
CA ILE B 151 17.54 5.48 -11.00
C ILE B 151 17.49 5.64 -12.52
N TYR B 152 16.59 4.90 -13.17
CA TYR B 152 16.41 5.06 -14.61
C TYR B 152 15.98 6.49 -14.93
N ALA B 153 15.04 7.03 -14.15
CA ALA B 153 14.57 8.40 -14.37
C ALA B 153 15.69 9.41 -14.25
N LYS B 154 16.48 9.32 -13.18
CA LYS B 154 17.56 10.26 -12.98
C LYS B 154 18.57 10.17 -14.13
N GLU B 155 18.89 8.96 -14.59
CA GLU B 155 19.85 8.83 -15.68
C GLU B 155 19.32 9.55 -16.93
N ALA B 156 18.05 9.35 -17.22
CA ALA B 156 17.43 9.95 -18.40
C ALA B 156 17.40 11.46 -18.27
N LEU B 157 16.95 11.95 -17.12
CA LEU B 157 16.83 13.39 -16.90
C LEU B 157 18.19 14.10 -16.92
N GLN B 158 19.22 13.43 -16.42
CA GLN B 158 20.57 13.99 -16.49
C GLN B 158 21.05 14.06 -17.92
N LYS B 159 20.79 13.01 -18.71
CA LYS B 159 21.20 12.98 -20.11
C LYS B 159 20.50 14.07 -20.91
N LEU B 160 19.25 14.34 -20.56
CA LEU B 160 18.44 15.32 -21.27
C LEU B 160 18.67 16.75 -20.77
N GLY B 161 19.43 16.90 -19.70
CA GLY B 161 19.73 18.21 -19.14
C GLY B 161 18.63 18.82 -18.28
N ALA B 162 17.75 17.96 -17.77
CA ALA B 162 16.58 18.41 -17.01
C ALA B 162 16.72 18.18 -15.52
N TRP B 163 17.74 17.44 -15.11
CA TRP B 163 17.86 17.00 -13.72
C TRP B 163 18.00 18.13 -12.70
N ASP B 164 18.88 19.08 -12.98
CA ASP B 164 19.11 20.17 -12.02
C ASP B 164 17.84 21.01 -11.83
N THR B 165 17.06 21.15 -12.89
CA THR B 165 15.77 21.85 -12.81
C THR B 165 14.75 21.06 -12.00
N LEU B 166 14.70 19.75 -12.22
CA LEU B 166 13.66 18.90 -11.64
C LEU B 166 13.95 18.42 -10.24
N SER B 167 15.23 18.25 -9.90
CA SER B 167 15.57 17.66 -8.59
C SER B 167 14.91 18.32 -7.37
N PRO B 168 14.74 19.66 -7.39
CA PRO B 168 14.01 20.19 -6.23
C PRO B 168 12.49 20.11 -6.36
N LYS B 169 11.99 19.55 -7.47
CA LYS B 169 10.56 19.49 -7.72
C LYS B 169 10.01 18.06 -7.64
N LEU B 170 10.77 17.16 -7.05
CA LEU B 170 10.37 15.75 -7.03
C LEU B 170 9.49 15.38 -5.84
N ALA B 171 8.63 14.39 -6.05
CA ALA B 171 7.90 13.74 -4.97
C ALA B 171 8.36 12.29 -4.97
N PRO B 172 9.42 12.00 -4.22
CA PRO B 172 9.96 10.64 -4.22
C PRO B 172 9.08 9.66 -3.45
N ALA B 173 9.09 8.42 -3.90
CA ALA B 173 8.32 7.36 -3.29
C ALA B 173 9.18 6.13 -3.05
N GLU B 174 8.72 5.24 -2.19
CA GLU B 174 9.52 4.11 -1.75
C GLU B 174 9.64 3.00 -2.76
N ASP B 175 8.75 2.99 -3.75
CA ASP B 175 8.90 2.10 -4.91
C ASP B 175 8.11 2.68 -6.07
N VAL B 176 8.20 2.07 -7.25
CA VAL B 176 7.55 2.69 -8.39
C VAL B 176 6.04 2.71 -8.23
N ARG B 177 5.49 1.75 -7.49
CA ARG B 177 4.04 1.74 -7.26
C ARG B 177 3.61 2.84 -6.28
N GLY B 178 4.52 3.28 -5.42
CA GLY B 178 4.26 4.44 -4.60
C GLY B 178 4.22 5.70 -5.45
N ALA B 179 5.08 5.78 -6.46
CA ALA B 179 5.08 6.91 -7.38
C ALA B 179 3.80 6.90 -8.19
N LEU B 180 3.42 5.73 -8.67
CA LEU B 180 2.18 5.60 -9.44
C LEU B 180 1.00 6.04 -8.59
N ALA B 181 1.00 5.62 -7.33
CA ALA B 181 -0.09 5.98 -6.41
C ALA B 181 -0.22 7.49 -6.21
N LEU B 182 0.91 8.21 -6.15
CA LEU B 182 0.82 9.67 -6.00
C LEU B 182 0.07 10.32 -7.17
N VAL B 183 0.25 9.77 -8.37
CA VAL B 183 -0.43 10.29 -9.54
C VAL B 183 -1.88 9.85 -9.55
N GLU B 184 -2.12 8.56 -9.29
CA GLU B 184 -3.49 8.05 -9.19
C GLU B 184 -4.32 8.87 -8.20
N ARG B 185 -3.71 9.27 -7.10
CA ARG B 185 -4.40 10.02 -6.03
C ARG B 185 -4.43 11.53 -6.25
N ASN B 186 -3.94 11.97 -7.40
CA ASN B 186 -3.84 13.41 -7.73
C ASN B 186 -3.02 14.25 -6.76
N GLU B 187 -2.09 13.59 -6.07
CA GLU B 187 -1.16 14.30 -5.20
C GLU B 187 0.02 14.87 -5.98
N ALA B 188 0.27 14.32 -7.17
CA ALA B 188 1.25 14.87 -8.10
C ALA B 188 0.63 14.80 -9.47
N PRO B 189 0.81 15.85 -10.28
CA PRO B 189 0.08 15.87 -11.56
C PRO B 189 0.71 14.96 -12.61
N LEU B 190 2.00 14.67 -12.44
CA LEU B 190 2.73 13.82 -13.38
C LEU B 190 3.62 12.90 -12.58
N GLY B 191 3.93 11.72 -13.14
CA GLY B 191 4.89 10.84 -12.49
C GLY B 191 5.66 10.04 -13.51
N ILE B 192 6.88 9.66 -13.15
CA ILE B 192 7.69 8.76 -13.98
C ILE B 192 7.58 7.34 -13.46
N VAL B 193 7.01 6.47 -14.28
CA VAL B 193 6.82 5.07 -13.93
C VAL B 193 7.18 4.21 -15.15
N TYR B 194 6.96 2.91 -15.09
CA TYR B 194 7.18 2.06 -16.26
C TYR B 194 5.95 2.00 -17.14
N GLY B 195 6.17 1.69 -18.42
CA GLY B 195 5.05 1.48 -19.33
C GLY B 195 4.06 0.47 -18.78
N SER B 196 4.58 -0.60 -18.17
CA SER B 196 3.72 -1.63 -17.60
C SER B 196 2.83 -1.09 -16.49
N ASP B 197 3.31 -0.09 -15.75
CA ASP B 197 2.51 0.48 -14.66
C ASP B 197 1.27 1.16 -15.20
N ALA B 198 1.40 1.81 -16.36
CA ALA B 198 0.22 2.44 -16.96
C ALA B 198 -0.77 1.37 -17.42
N VAL B 199 -0.24 0.25 -17.93
CA VAL B 199 -1.08 -0.84 -18.40
C VAL B 199 -1.89 -1.44 -17.25
N ALA B 200 -1.30 -1.46 -16.07
CA ALA B 200 -1.95 -2.06 -14.92
C ALA B 200 -2.95 -1.13 -14.21
N SER B 201 -2.86 0.16 -14.48
CA SER B 201 -3.62 1.18 -13.74
C SER B 201 -4.83 1.72 -14.50
N LYS B 202 -6.02 1.56 -13.93
CA LYS B 202 -7.24 2.16 -14.48
C LYS B 202 -7.20 3.68 -14.46
N GLY B 203 -6.46 4.26 -13.49
CA GLY B 203 -6.58 5.67 -13.18
C GLY B 203 -5.49 6.59 -13.69
N VAL B 204 -4.58 6.07 -14.49
CA VAL B 204 -3.62 6.94 -15.16
C VAL B 204 -3.43 6.49 -16.58
N LYS B 205 -2.93 7.40 -17.40
CA LYS B 205 -2.63 7.11 -18.80
C LYS B 205 -1.23 7.63 -19.11
N VAL B 206 -0.57 7.03 -20.10
CA VAL B 206 0.71 7.54 -20.58
C VAL B 206 0.49 8.84 -21.31
N VAL B 207 1.25 9.87 -20.96
CA VAL B 207 1.23 11.14 -21.70
C VAL B 207 2.56 11.44 -22.39
N ALA B 208 3.60 10.69 -22.04
CA ALA B 208 4.86 10.77 -22.77
C ALA B 208 5.69 9.52 -22.51
N THR B 209 6.52 9.15 -23.47
CA THR B 209 7.40 8.00 -23.34
C THR B 209 8.85 8.44 -23.46
N PHE B 210 9.70 8.02 -22.53
CA PHE B 210 11.12 8.35 -22.64
C PHE B 210 11.74 7.67 -23.84
N PRO B 211 12.57 8.39 -24.59
CA PRO B 211 13.29 7.75 -25.69
C PRO B 211 14.15 6.62 -25.14
N GLU B 212 14.24 5.50 -25.85
CA GLU B 212 15.03 4.38 -25.34
C GLU B 212 16.49 4.76 -25.19
N ASP B 213 17.00 5.65 -26.03
CA ASP B 213 18.41 6.03 -25.94
C ASP B 213 18.73 6.96 -24.76
N SER B 214 17.72 7.36 -23.99
CA SER B 214 17.95 8.30 -22.90
C SER B 214 18.38 7.63 -21.58
N HIS B 215 18.27 6.31 -21.51
CA HIS B 215 18.58 5.58 -20.27
C HIS B 215 18.99 4.15 -20.58
N LYS B 216 19.60 3.49 -19.60
CA LYS B 216 19.88 2.06 -19.69
C LYS B 216 18.59 1.31 -19.96
N LYS B 217 18.66 0.27 -20.79
CA LYS B 217 17.49 -0.57 -21.05
C LYS B 217 16.87 -1.03 -19.73
N VAL B 218 15.56 -0.89 -19.60
CA VAL B 218 14.89 -1.43 -18.41
C VAL B 218 14.81 -2.94 -18.57
N GLU B 219 15.48 -3.66 -17.67
CA GLU B 219 15.61 -5.11 -17.75
C GLU B 219 15.40 -5.72 -16.40
N TYR B 220 14.75 -6.87 -16.38
CA TYR B 220 14.43 -7.58 -15.15
C TYR B 220 15.14 -8.92 -15.09
N PRO B 221 16.24 -9.00 -14.33
CA PRO B 221 16.86 -10.31 -14.11
C PRO B 221 16.14 -11.09 -13.02
N VAL B 222 16.12 -12.41 -13.19
CA VAL B 222 15.57 -13.33 -12.19
C VAL B 222 16.69 -14.28 -11.76
N ALA B 223 16.67 -14.69 -10.50
CA ALA B 223 17.59 -15.71 -10.00
C ALA B 223 17.01 -16.36 -8.77
N VAL B 224 17.45 -17.60 -8.54
CA VAL B 224 17.17 -18.29 -7.29
C VAL B 224 18.15 -17.82 -6.23
N VAL B 225 17.65 -17.65 -5.01
CA VAL B 225 18.49 -17.26 -3.88
C VAL B 225 19.42 -18.44 -3.54
N GLU B 226 20.65 -18.11 -3.14
CA GLU B 226 21.67 -19.12 -2.88
C GLU B 226 21.14 -20.16 -1.91
N GLY B 227 21.23 -21.43 -2.31
CA GLY B 227 20.82 -22.51 -1.42
C GLY B 227 19.35 -22.85 -1.46
N HIS B 228 18.58 -22.17 -2.31
CA HIS B 228 17.14 -22.38 -2.35
C HIS B 228 16.61 -23.13 -3.59
N ASN B 229 17.50 -23.64 -4.44
CA ASN B 229 17.05 -24.24 -5.70
C ASN B 229 16.63 -25.71 -5.57
N ASN B 230 15.60 -25.96 -4.76
CA ASN B 230 15.03 -27.29 -4.62
C ASN B 230 14.06 -27.57 -5.77
N ALA B 231 13.45 -28.76 -5.79
CA ALA B 231 12.64 -29.14 -6.94
C ALA B 231 11.41 -28.24 -7.13
N THR B 232 10.83 -27.80 -6.01
CA THR B 232 9.62 -26.99 -6.06
C THR B 232 9.94 -25.59 -6.58
N VAL B 233 11.01 -25.00 -6.07
CA VAL B 233 11.46 -23.70 -6.55
C VAL B 233 11.85 -23.78 -8.03
N LYS B 234 12.53 -24.84 -8.42
CA LYS B 234 12.91 -25.04 -9.82
C LYS B 234 11.67 -25.12 -10.73
N ALA B 235 10.62 -25.78 -10.25
CA ALA B 235 9.39 -25.89 -11.05
C ALA B 235 8.79 -24.50 -11.32
N PHE B 236 8.79 -23.64 -10.30
CA PHE B 236 8.25 -22.30 -10.49
C PHE B 236 9.17 -21.44 -11.36
N TYR B 237 10.47 -21.53 -11.13
CA TYR B 237 11.45 -20.84 -11.96
C TYR B 237 11.22 -21.20 -13.44
N ASP B 238 11.06 -22.49 -13.72
CA ASP B 238 10.81 -22.93 -15.09
C ASP B 238 9.48 -22.37 -15.61
N TYR B 239 8.49 -22.30 -14.73
CA TYR B 239 7.18 -21.76 -15.10
C TYR B 239 7.28 -20.31 -15.53
N LEU B 240 8.14 -19.55 -14.85
CA LEU B 240 8.33 -18.13 -15.18
C LEU B 240 8.85 -17.95 -16.60
N LYS B 241 9.54 -18.97 -17.12
CA LYS B 241 10.07 -18.93 -18.48
C LYS B 241 9.18 -19.61 -19.50
N GLY B 242 8.00 -20.08 -19.05
CA GLY B 242 7.10 -20.81 -19.91
C GLY B 242 6.07 -19.93 -20.59
N PRO B 243 5.24 -20.52 -21.46
CA PRO B 243 4.28 -19.76 -22.28
C PRO B 243 3.11 -19.19 -21.49
N GLN B 244 2.69 -19.84 -20.41
CA GLN B 244 1.59 -19.33 -19.59
C GLN B 244 2.02 -18.02 -18.91
N ALA B 245 3.20 -18.03 -18.30
CA ALA B 245 3.71 -16.82 -17.68
C ALA B 245 3.98 -15.74 -18.72
N ALA B 246 4.50 -16.12 -19.87
CA ALA B 246 4.82 -15.14 -20.91
C ALA B 246 3.57 -14.39 -21.35
N GLU B 247 2.47 -15.11 -21.49
CA GLU B 247 1.22 -14.45 -21.88
C GLU B 247 0.77 -13.43 -20.84
N ILE B 248 0.98 -13.75 -19.56
CA ILE B 248 0.60 -12.83 -18.49
C ILE B 248 1.53 -11.61 -18.46
N PHE B 249 2.82 -11.85 -18.54
CA PHE B 249 3.78 -10.75 -18.60
C PHE B 249 3.46 -9.79 -19.76
N LYS B 250 3.16 -10.34 -20.92
CA LYS B 250 2.85 -9.50 -22.08
C LYS B 250 1.55 -8.72 -21.87
N ARG B 251 0.55 -9.36 -21.28
CA ARG B 251 -0.71 -8.68 -20.97
C ARG B 251 -0.49 -7.44 -20.11
N TYR B 252 0.48 -7.53 -19.21
CA TYR B 252 0.76 -6.41 -18.29
C TYR B 252 1.78 -5.40 -18.82
N GLY B 253 2.21 -5.54 -20.07
CA GLY B 253 3.02 -4.52 -20.71
C GLY B 253 4.51 -4.79 -20.75
N PHE B 254 4.93 -5.96 -20.27
CA PHE B 254 6.35 -6.34 -20.29
C PHE B 254 6.72 -6.95 -21.62
N THR B 255 7.98 -6.81 -22.01
CA THR B 255 8.48 -7.52 -23.16
C THR B 255 9.24 -8.77 -22.71
N ILE B 256 9.18 -9.83 -23.52
CA ILE B 256 9.82 -11.09 -23.17
C ILE B 256 11.21 -11.18 -23.78
N LYS B 257 12.21 -11.36 -22.94
CA LYS B 257 13.59 -11.46 -23.41
C LYS B 257 13.87 -12.86 -23.94
O1 CQ4 C . -12.86 2.19 9.08
O2 CQ4 C . -11.47 2.13 11.47
CR CQ4 C . -12.40 1.21 10.38
O3 CQ4 C . -13.79 0.62 11.11
O4 CQ4 C . -11.45 -0.04 9.85
O1 CQ4 D . 11.45 0.04 -9.87
O2 CQ4 D . 9.96 -0.27 -7.57
CR CQ4 D . 10.72 -1.07 -8.84
O3 CQ4 D . 9.63 -1.95 -9.78
O4 CQ4 D . 11.89 -2.11 -8.18
#